data_6FNB
#
_entry.id   6FNB
#
_cell.length_a   71.800
_cell.length_b   103.310
_cell.length_c   113.060
_cell.angle_alpha   90.000
_cell.angle_beta   90.000
_cell.angle_gamma   90.000
#
_symmetry.space_group_name_H-M   'P 21 21 21'
#
loop_
_entity.id
_entity.type
_entity.pdbx_description
1 polymer '14-3-3 protein zeta/delta'
2 non-polymer 'BENZOIC ACID'
3 non-polymer GLYCEROL
4 non-polymer 'CALCIUM ION'
5 non-polymer 'CHLORIDE ION'
6 non-polymer '[2-[2-oxidanylidene-2-[[3-[2-[5-[3-oxidanylidene-3-[3-[2-[2-[3-[3-[2-[2-[2-[[3-[2-(2-phosphonophenoxy)ethanoylamino]phenyl]carbonylamino]ethoxy]ethoxy]ethoxy]propanoylamino]propoxy]ethoxy]ethoxy]propylamino]propoxy]pentoxy]ethylcarbamoyl]phenyl]amino]ethoxy]phenyl]phosphonic acid'
7 water water
#
_entity_poly.entity_id   1
_entity_poly.type   'polypeptide(L)'
_entity_poly.pdbx_seq_one_letter_code
;MDKNELVQKAKLAEQAERYDDMAACMKSVTEQGAELSNEERNLLSVAYKNVVGARRSSWRVVSSIEQKTEGAEKKQQMAR
EYREKIETELRDICNDVLSLLEKFLIPNASQAESKVFYLKMKGDYYRYLAEVAAGDDKKGIVDQSQQAYQEAFEISKKEM
QPTHPIRLGLALNFSVFYYEILNSPEKACSLAKTAFDEAIAELDTLSEESYKDSTLIMQLLRDNLTLWTS
;
_entity_poly.pdbx_strand_id   A,B
#
loop_
_chem_comp.id
_chem_comp.type
_chem_comp.name
_chem_comp.formula
BEZ non-polymer 'BENZOIC ACID' 'C7 H6 O2'
CA non-polymer 'CALCIUM ION' 'Ca 2'
CL non-polymer 'CHLORIDE ION' 'Cl -1'
DWQ non-polymer '[2-[2-oxidanylidene-2-[[3-[2-[5-[3-oxidanylidene-3-[3-[2-[2-[3-[3-[2-[2-[2-[[3-[2-(2-phosphonophenoxy)ethanoylamino]phenyl]carbonylamino]ethoxy]ethoxy]ethoxy]propanoylamino]propoxy]ethoxy]ethoxy]propylamino]propoxy]pentoxy]ethylcarbamoyl]phenyl]amino]ethoxy]phenyl]phosphonic acid' 'C59 H84 N6 O22 P2'
GOL non-polymer GLYCEROL 'C3 H8 O3'
#
# COMPACT_ATOMS: atom_id res chain seq x y z
N MET A 1 25.73 -2.63 -5.07
CA MET A 1 26.82 -3.66 -5.05
C MET A 1 27.55 -3.71 -3.70
N ASP A 2 28.02 -2.55 -3.26
CA ASP A 2 28.65 -2.40 -1.93
C ASP A 2 27.60 -2.54 -0.83
N LYS A 3 28.01 -3.12 0.30
CA LYS A 3 27.11 -3.34 1.45
C LYS A 3 26.41 -2.05 1.89
N ASN A 4 27.20 -1.00 2.11
CA ASN A 4 26.67 0.28 2.57
C ASN A 4 25.72 0.92 1.55
N GLU A 5 26.01 0.74 0.26
CA GLU A 5 25.19 1.27 -0.82
C GLU A 5 23.81 0.60 -0.86
N LEU A 6 23.78 -0.73 -0.76
CA LEU A 6 22.54 -1.50 -0.66
C LEU A 6 21.70 -1.09 0.56
N VAL A 7 22.36 -0.86 1.68
CA VAL A 7 21.66 -0.44 2.92
C VAL A 7 21.06 0.96 2.75
N GLN A 8 21.79 1.86 2.08
CA GLN A 8 21.28 3.22 1.79
C GLN A 8 20.10 3.19 0.82
N LYS A 9 20.19 2.35 -0.21
CA LYS A 9 19.08 2.14 -1.14
C LYS A 9 17.85 1.57 -0.40
N ALA A 10 18.08 0.62 0.51
CA ALA A 10 17.00 0.06 1.34
C ALA A 10 16.30 1.13 2.18
N LYS A 11 17.08 2.03 2.76
CA LYS A 11 16.53 3.17 3.50
C LYS A 11 15.75 4.15 2.62
N LEU A 12 16.20 4.35 1.38
CA LEU A 12 15.46 5.13 0.40
C LEU A 12 14.13 4.48 0.09
N ALA A 13 14.19 3.18 -0.22
CA ALA A 13 12.99 2.39 -0.53
C ALA A 13 11.97 2.46 0.61
N GLU A 14 12.44 2.33 1.85
CA GLU A 14 11.58 2.44 3.03
C GLU A 14 10.83 3.76 3.06
N GLN A 15 11.55 4.86 2.88
CA GLN A 15 10.95 6.20 2.86
C GLN A 15 9.92 6.32 1.75
N ALA A 16 10.23 5.73 0.59
CA ALA A 16 9.33 5.69 -0.56
C ALA A 16 8.16 4.70 -0.45
N GLU A 17 8.10 3.91 0.63
CA GLU A 17 7.11 2.84 0.82
C GLU A 17 7.12 1.84 -0.36
N ARG A 18 8.31 1.56 -0.88
CA ARG A 18 8.54 0.63 -1.98
C ARG A 18 9.21 -0.60 -1.37
N TYR A 19 8.40 -1.44 -0.73
CA TYR A 19 8.90 -2.50 0.15
C TYR A 19 9.52 -3.70 -0.56
N ASP A 20 9.07 -4.01 -1.78
CA ASP A 20 9.72 -5.05 -2.59
C ASP A 20 11.18 -4.68 -2.88
N ASP A 21 11.41 -3.42 -3.26
CA ASP A 21 12.77 -2.90 -3.45
C ASP A 21 13.58 -2.99 -2.18
N MET A 22 12.98 -2.58 -1.06
CA MET A 22 13.60 -2.66 0.27
C MET A 22 14.02 -4.09 0.60
N ALA A 23 13.10 -5.02 0.40
CA ALA A 23 13.33 -6.44 0.65
C ALA A 23 14.44 -7.03 -0.23
N ALA A 24 14.48 -6.61 -1.49
CA ALA A 24 15.49 -7.08 -2.44
C ALA A 24 16.89 -6.60 -2.04
N CYS A 25 16.98 -5.34 -1.61
CA CYS A 25 18.25 -4.78 -1.15
C CYS A 25 18.78 -5.53 0.08
N MET A 26 17.94 -5.70 1.09
CA MET A 26 18.35 -6.37 2.33
C MET A 26 18.56 -7.87 2.18
N LYS A 27 17.86 -8.51 1.25
CA LYS A 27 18.12 -9.91 0.92
C LYS A 27 19.55 -10.10 0.43
N SER A 28 19.97 -9.25 -0.51
CA SER A 28 21.31 -9.35 -1.09
C SER A 28 22.39 -8.97 -0.08
N VAL A 29 22.10 -8.03 0.83
CA VAL A 29 23.00 -7.75 1.96
C VAL A 29 23.17 -8.98 2.84
N THR A 30 22.07 -9.68 3.12
CA THR A 30 22.10 -10.93 3.90
C THR A 30 22.93 -12.00 3.19
N GLU A 31 22.76 -12.09 1.88
CA GLU A 31 23.47 -13.07 1.04
C GLU A 31 24.99 -12.87 0.96
N GLN A 32 25.47 -11.67 1.26
CA GLN A 32 26.92 -11.42 1.38
C GLN A 32 27.58 -12.16 2.56
N GLY A 33 26.77 -12.73 3.45
CA GLY A 33 27.25 -13.72 4.42
C GLY A 33 27.74 -13.18 5.75
N ALA A 34 27.91 -11.87 5.88
CA ALA A 34 28.34 -11.27 7.14
C ALA A 34 27.15 -11.13 8.10
N GLU A 35 27.43 -11.24 9.39
CA GLU A 35 26.45 -11.00 10.44
C GLU A 35 25.87 -9.58 10.29
N LEU A 36 24.55 -9.48 10.22
CA LEU A 36 23.87 -8.19 10.07
C LEU A 36 23.96 -7.39 11.36
N SER A 37 24.13 -6.08 11.23
CA SER A 37 24.01 -5.16 12.36
C SER A 37 22.55 -5.09 12.83
N ASN A 38 22.32 -4.41 13.95
CA ASN A 38 20.96 -4.24 14.47
C ASN A 38 20.10 -3.43 13.51
N GLU A 39 20.65 -2.35 12.96
CA GLU A 39 19.98 -1.54 11.95
C GLU A 39 19.59 -2.37 10.73
N GLU A 40 20.53 -3.17 10.22
CA GLU A 40 20.29 -4.03 9.05
C GLU A 40 19.26 -5.13 9.32
N ARG A 41 19.33 -5.73 10.50
CA ARG A 41 18.35 -6.72 10.96
C ARG A 41 16.93 -6.14 10.96
N ASN A 42 16.79 -4.93 11.49
CA ASN A 42 15.50 -4.25 11.54
C ASN A 42 14.99 -3.86 10.14
N LEU A 43 15.90 -3.45 9.25
CA LEU A 43 15.52 -3.12 7.87
C LEU A 43 15.00 -4.34 7.11
N LEU A 44 15.73 -5.45 7.22
CA LEU A 44 15.26 -6.74 6.67
C LEU A 44 13.87 -7.10 7.20
N SER A 45 13.70 -6.98 8.52
CA SER A 45 12.46 -7.37 9.19
C SER A 45 11.28 -6.54 8.75
N VAL A 46 11.45 -5.22 8.74
CA VAL A 46 10.39 -4.29 8.30
C VAL A 46 10.01 -4.54 6.84
N ALA A 47 11.02 -4.64 5.99
CA ALA A 47 10.82 -4.90 4.56
C ALA A 47 9.89 -6.08 4.32
N TYR A 48 10.27 -7.24 4.85
CA TYR A 48 9.51 -8.48 4.60
C TYR A 48 8.17 -8.52 5.32
N LYS A 49 8.12 -7.93 6.51
CA LYS A 49 6.86 -7.73 7.22
C LYS A 49 5.79 -7.13 6.30
N ASN A 50 6.17 -6.05 5.62
CA ASN A 50 5.28 -5.35 4.69
C ASN A 50 5.04 -6.12 3.39
N VAL A 51 6.04 -6.82 2.88
CA VAL A 51 5.86 -7.63 1.67
C VAL A 51 4.89 -8.80 1.94
N VAL A 52 5.14 -9.56 3.01
CA VAL A 52 4.26 -10.68 3.36
C VAL A 52 2.90 -10.20 3.88
N GLY A 53 2.90 -9.12 4.67
CA GLY A 53 1.70 -8.57 5.30
C GLY A 53 0.63 -8.10 4.34
N ALA A 54 1.04 -7.48 3.24
CA ALA A 54 0.10 -7.09 2.18
C ALA A 54 -0.66 -8.30 1.62
N ARG A 55 0.05 -9.40 1.43
CA ARG A 55 -0.55 -10.66 0.97
C ARG A 55 -1.47 -11.25 2.03
N ARG A 56 -1.04 -11.22 3.29
CA ARG A 56 -1.87 -11.69 4.40
C ARG A 56 -3.17 -10.89 4.49
N SER A 57 -3.04 -9.56 4.44
CA SER A 57 -4.20 -8.67 4.43
C SER A 57 -5.15 -8.98 3.26
N SER A 58 -4.58 -9.13 2.06
CA SER A 58 -5.38 -9.48 0.87
C SER A 58 -6.04 -10.85 1.02
N TRP A 59 -5.29 -11.83 1.50
CA TRP A 59 -5.79 -13.18 1.72
C TRP A 59 -7.01 -13.20 2.63
N ARG A 60 -6.98 -12.43 3.70
CA ARG A 60 -8.08 -12.39 4.67
C ARG A 60 -9.36 -11.77 4.08
N VAL A 61 -9.21 -10.74 3.26
CA VAL A 61 -10.36 -10.13 2.58
C VAL A 61 -10.98 -11.12 1.58
N VAL A 62 -10.15 -11.79 0.80
CA VAL A 62 -10.62 -12.70 -0.25
C VAL A 62 -11.18 -14.01 0.35
N SER A 63 -10.61 -14.45 1.48
CA SER A 63 -11.19 -15.55 2.27
C SER A 63 -12.56 -15.19 2.82
N SER A 64 -12.66 -13.99 3.37
CA SER A 64 -13.91 -13.47 3.93
C SER A 64 -15.03 -13.35 2.89
N ILE A 65 -14.69 -12.95 1.67
CA ILE A 65 -15.66 -12.84 0.57
C ILE A 65 -16.08 -14.24 0.08
N GLU A 66 -15.11 -15.14 -0.02
CA GLU A 66 -15.37 -16.55 -0.36
C GLU A 66 -16.33 -17.21 0.64
N GLN A 67 -16.12 -16.95 1.93
CA GLN A 67 -16.97 -17.48 2.99
C GLN A 67 -18.37 -16.84 3.01
N LYS A 68 -18.43 -15.51 2.86
CA LYS A 68 -19.71 -14.77 2.89
C LYS A 68 -20.62 -15.02 1.67
N THR A 69 -20.10 -15.68 0.63
CA THR A 69 -20.94 -16.21 -0.47
C THR A 69 -20.97 -17.74 -0.42
N GLY A 71 -23.94 -18.18 -1.65
CA GLY A 71 -23.41 -19.37 -2.29
C GLY A 71 -23.57 -19.40 -3.80
N ALA A 72 -23.09 -18.34 -4.46
CA ALA A 72 -23.11 -18.24 -5.93
C ALA A 72 -21.95 -19.06 -6.53
N GLU A 73 -22.26 -19.88 -7.52
CA GLU A 73 -21.30 -20.85 -8.07
C GLU A 73 -20.15 -20.20 -8.86
N LYS A 74 -20.49 -19.20 -9.68
CA LYS A 74 -19.48 -18.47 -10.47
C LYS A 74 -18.59 -17.59 -9.60
N LYS A 75 -19.20 -16.84 -8.69
CA LYS A 75 -18.49 -15.89 -7.83
C LYS A 75 -17.57 -16.57 -6.79
N GLN A 76 -18.01 -17.70 -6.23
CA GLN A 76 -17.20 -18.46 -5.27
C GLN A 76 -15.94 -19.04 -5.92
N GLN A 77 -16.05 -19.50 -7.16
CA GLN A 77 -14.90 -20.03 -7.91
C GLN A 77 -13.87 -18.95 -8.30
N MET A 78 -14.34 -17.70 -8.49
CA MET A 78 -13.44 -16.56 -8.72
C MET A 78 -12.59 -16.33 -7.48
N ALA A 79 -13.28 -16.15 -6.34
CA ALA A 79 -12.64 -15.90 -5.06
C ALA A 79 -11.62 -16.98 -4.70
N ARG A 80 -12.00 -18.24 -4.89
CA ARG A 80 -11.12 -19.38 -4.57
C ARG A 80 -9.83 -19.34 -5.38
N GLU A 81 -9.95 -19.14 -6.70
CA GLU A 81 -8.78 -19.06 -7.58
C GLU A 81 -7.89 -17.83 -7.33
N TYR A 82 -8.50 -16.73 -6.88
CA TYR A 82 -7.75 -15.52 -6.53
C TYR A 82 -7.06 -15.69 -5.17
N ARG A 83 -7.74 -16.31 -4.21
CA ARG A 83 -7.11 -16.71 -2.95
C ARG A 83 -5.88 -17.58 -3.22
N GLU A 84 -6.01 -18.56 -4.10
CA GLU A 84 -4.90 -19.48 -4.44
C GLU A 84 -3.72 -18.77 -5.11
N LYS A 85 -4.01 -17.82 -6.00
CA LYS A 85 -2.99 -16.95 -6.60
C LYS A 85 -2.21 -16.21 -5.50
N ILE A 86 -2.96 -15.60 -4.57
CA ILE A 86 -2.41 -14.87 -3.44
C ILE A 86 -1.60 -15.80 -2.51
N GLU A 87 -2.09 -17.00 -2.30
CA GLU A 87 -1.40 -17.98 -1.46
C GLU A 87 -0.02 -18.40 -1.98
N THR A 88 0.12 -18.59 -3.29
CA THR A 88 1.43 -18.99 -3.84
C THR A 88 2.43 -17.83 -3.79
N GLU A 89 1.95 -16.58 -3.92
CA GLU A 89 2.79 -15.41 -3.67
C GLU A 89 3.30 -15.39 -2.23
N LEU A 90 2.37 -15.62 -1.32
CA LEU A 90 2.64 -15.61 0.13
C LEU A 90 3.63 -16.70 0.53
N ARG A 91 3.41 -17.91 -0.01
CA ARG A 91 4.31 -19.04 0.25
C ARG A 91 5.73 -18.82 -0.26
N ASP A 92 5.85 -18.23 -1.45
CA ASP A 92 7.16 -17.89 -2.03
C ASP A 92 7.91 -16.85 -1.20
N ILE A 93 7.20 -15.88 -0.65
CA ILE A 93 7.79 -14.88 0.23
C ILE A 93 8.27 -15.54 1.51
N CYS A 94 7.41 -16.32 2.14
CA CYS A 94 7.78 -17.04 3.37
C CYS A 94 8.96 -17.97 3.18
N ASN A 95 9.00 -18.70 2.06
CA ASN A 95 10.10 -19.60 1.77
C ASN A 95 11.44 -18.88 1.48
N ASP A 96 11.39 -17.68 0.92
CA ASP A 96 12.60 -16.83 0.75
C ASP A 96 13.17 -16.40 2.10
N VAL A 97 12.30 -15.90 2.97
CA VAL A 97 12.69 -15.46 4.32
C VAL A 97 13.24 -16.64 5.13
N LEU A 98 12.51 -17.75 5.11
CA LEU A 98 12.92 -18.95 5.86
C LEU A 98 14.26 -19.54 5.39
N SER A 99 14.55 -19.48 4.09
CA SER A 99 15.83 -19.95 3.59
C SER A 99 16.99 -19.00 3.94
N LEU A 100 16.72 -17.69 3.96
CA LEU A 100 17.69 -16.72 4.50
C LEU A 100 17.99 -16.96 5.97
N LEU A 101 16.95 -17.23 6.75
CA LEU A 101 17.09 -17.55 8.17
C LEU A 101 17.93 -18.80 8.42
N GLU A 102 17.70 -19.83 7.61
CA GLU A 102 18.37 -21.12 7.76
C GLU A 102 19.81 -21.07 7.26
N LYS A 103 20.02 -20.46 6.10
CA LYS A 103 21.34 -20.43 5.45
C LYS A 103 22.31 -19.40 6.06
N PHE A 104 21.80 -18.23 6.42
CA PHE A 104 22.65 -17.10 6.86
C PHE A 104 22.40 -16.62 8.30
N LEU A 105 21.17 -16.20 8.60
CA LEU A 105 20.90 -15.41 9.82
C LEU A 105 21.02 -16.20 11.12
N ILE A 106 20.41 -17.39 11.19
CA ILE A 106 20.45 -18.19 12.43
C ILE A 106 21.85 -18.76 12.72
N PRO A 107 22.52 -19.36 11.72
CA PRO A 107 23.90 -19.86 11.95
C PRO A 107 24.94 -18.79 12.32
N ASN A 108 24.82 -17.58 11.78
CA ASN A 108 25.77 -16.49 12.07
C ASN A 108 25.48 -15.71 13.35
N ALA A 109 24.33 -15.93 13.97
CA ALA A 109 23.94 -15.16 15.16
C ALA A 109 24.85 -15.51 16.34
N SER A 110 25.63 -14.53 16.79
CA SER A 110 26.67 -14.72 17.82
C SER A 110 26.32 -14.11 19.18
N GLN A 111 25.11 -13.57 19.29
CA GLN A 111 24.56 -13.05 20.55
C GLN A 111 23.19 -13.71 20.77
N ALA A 112 22.85 -13.95 22.03
CA ALA A 112 21.54 -14.52 22.38
C ALA A 112 20.38 -13.66 21.86
N GLU A 113 20.51 -12.35 22.01
CA GLU A 113 19.55 -11.38 21.48
C GLU A 113 19.19 -11.65 20.02
N SER A 114 20.21 -11.79 19.18
CA SER A 114 20.04 -12.08 17.76
C SER A 114 19.46 -13.46 17.48
N LYS A 115 19.98 -14.47 18.18
CA LYS A 115 19.49 -15.84 18.03
C LYS A 115 17.98 -15.91 18.33
N VAL A 116 17.56 -15.29 19.43
CA VAL A 116 16.15 -15.24 19.83
C VAL A 116 15.32 -14.52 18.76
N PHE A 117 15.80 -13.37 18.31
CA PHE A 117 15.16 -12.60 17.24
C PHE A 117 14.91 -13.43 15.99
N TYR A 118 15.93 -14.14 15.50
CA TYR A 118 15.81 -14.90 14.25
C TYR A 118 14.99 -16.17 14.40
N LEU A 119 15.10 -16.84 15.55
CA LEU A 119 14.26 -18.02 15.83
C LEU A 119 12.79 -17.62 15.97
N LYS A 120 12.54 -16.51 16.67
CA LYS A 120 11.21 -15.90 16.70
C LYS A 120 10.70 -15.62 15.29
N MET A 121 11.58 -15.03 14.47
CA MET A 121 11.26 -14.73 13.07
C MET A 121 10.92 -15.99 12.29
N LYS A 122 11.66 -17.07 12.53
CA LYS A 122 11.37 -18.37 11.91
C LYS A 122 10.00 -18.87 12.33
N GLY A 123 9.69 -18.73 13.61
CA GLY A 123 8.37 -19.04 14.14
C GLY A 123 7.26 -18.26 13.45
N ASP A 124 7.49 -16.95 13.27
CA ASP A 124 6.52 -16.06 12.61
C ASP A 124 6.21 -16.49 11.19
N TYR A 125 7.25 -16.79 10.41
CA TYR A 125 7.05 -17.07 8.98
C TYR A 125 6.52 -18.48 8.73
N TYR A 126 6.88 -19.45 9.57
CA TYR A 126 6.19 -20.75 9.54
C TYR A 126 4.73 -20.60 9.99
N ARG A 127 4.46 -19.72 10.96
CA ARG A 127 3.08 -19.40 11.35
C ARG A 127 2.26 -18.82 10.19
N TYR A 128 2.88 -17.96 9.38
CA TYR A 128 2.16 -17.39 8.21
C TYR A 128 1.87 -18.45 7.15
N LEU A 129 2.78 -19.41 6.99
CA LEU A 129 2.51 -20.59 6.16
C LEU A 129 1.37 -21.43 6.75
N ALA A 130 1.34 -21.56 8.08
CA ALA A 130 0.28 -22.31 8.78
C ALA A 130 -1.10 -21.68 8.60
N GLU A 131 -1.18 -20.36 8.74
CA GLU A 131 -2.43 -19.60 8.50
C GLU A 131 -3.11 -20.00 7.18
N VAL A 132 -2.28 -20.26 6.18
CA VAL A 132 -2.72 -20.66 4.85
C VAL A 132 -2.75 -22.17 4.63
N ALA A 133 -1.98 -22.92 5.42
CA ALA A 133 -1.97 -24.37 5.34
C ALA A 133 -3.39 -24.93 5.58
N ALA A 134 -3.81 -25.78 4.65
CA ALA A 134 -5.11 -26.46 4.73
C ALA A 134 -4.98 -27.99 4.62
N GLY A 135 -4.04 -28.46 3.79
CA GLY A 135 -3.89 -29.89 3.55
C GLY A 135 -3.12 -30.57 4.67
N ASP A 136 -2.78 -31.84 4.46
CA ASP A 136 -1.93 -32.61 5.39
C ASP A 136 -0.57 -31.98 5.68
N ASP A 137 -0.17 -31.01 4.87
CA ASP A 137 1.02 -30.18 5.11
C ASP A 137 0.97 -29.40 6.42
N LYS A 138 -0.23 -29.10 6.91
CA LYS A 138 -0.42 -28.19 8.05
C LYS A 138 0.28 -28.62 9.34
N LYS A 139 0.07 -29.87 9.75
CA LYS A 139 0.63 -30.39 11.01
C LYS A 139 2.15 -30.28 11.06
N GLY A 140 2.81 -30.56 9.94
CA GLY A 140 4.26 -30.41 9.83
C GLY A 140 4.74 -28.96 9.94
N ILE A 141 4.00 -28.05 9.31
CA ILE A 141 4.31 -26.62 9.34
C ILE A 141 4.07 -26.03 10.73
N VAL A 142 2.93 -26.36 11.33
CA VAL A 142 2.60 -25.93 12.71
C VAL A 142 3.68 -26.38 13.69
N ASP A 143 4.19 -27.60 13.50
CA ASP A 143 5.26 -28.16 14.34
C ASP A 143 6.57 -27.38 14.15
N GLN A 144 6.92 -27.08 12.90
CA GLN A 144 8.09 -26.23 12.58
C GLN A 144 8.03 -24.88 13.30
N SER A 145 6.88 -24.23 13.23
CA SER A 145 6.62 -22.96 13.92
C SER A 145 6.80 -23.08 15.43
N GLN A 146 6.19 -24.11 16.01
CA GLN A 146 6.26 -24.33 17.46
C GLN A 146 7.68 -24.56 17.97
N GLN A 147 8.47 -25.33 17.24
CA GLN A 147 9.84 -25.65 17.66
C GLN A 147 10.77 -24.44 17.61
N ALA A 148 10.62 -23.60 16.59
CA ALA A 148 11.39 -22.36 16.49
C ALA A 148 11.06 -21.44 17.67
N TYR A 149 9.78 -21.19 17.88
CA TYR A 149 9.30 -20.38 19.02
C TYR A 149 9.79 -20.94 20.36
N GLN A 150 9.71 -22.27 20.51
CA GLN A 150 10.12 -22.93 21.74
C GLN A 150 11.61 -22.74 22.00
N GLU A 151 12.44 -22.95 20.98
CA GLU A 151 13.89 -22.74 21.13
C GLU A 151 14.22 -21.28 21.47
N ALA A 152 13.55 -20.34 20.80
CA ALA A 152 13.68 -18.91 21.13
C ALA A 152 13.29 -18.63 22.57
N PHE A 153 12.21 -19.25 23.02
CA PHE A 153 11.71 -19.11 24.38
C PHE A 153 12.70 -19.59 25.44
N GLU A 154 13.29 -20.78 25.23
CA GLU A 154 14.30 -21.35 26.14
C GLU A 154 15.49 -20.42 26.32
N ILE A 155 15.98 -19.88 25.20
CA ILE A 155 17.17 -19.03 25.21
C ILE A 155 16.89 -17.69 25.87
N SER A 156 15.76 -17.07 25.51
CA SER A 156 15.37 -15.77 26.10
C SER A 156 15.21 -15.85 27.61
N LYS A 157 14.59 -16.93 28.08
CA LYS A 157 14.38 -17.17 29.51
C LYS A 157 15.71 -17.29 30.25
N LYS A 158 16.67 -17.99 29.64
CA LYS A 158 18.01 -18.16 30.20
C LYS A 158 18.90 -16.91 30.12
N GLU A 159 18.90 -16.22 28.97
CA GLU A 159 19.90 -15.18 28.67
C GLU A 159 19.45 -13.72 28.79
N MET A 160 18.14 -13.46 28.69
CA MET A 160 17.63 -12.08 28.61
C MET A 160 16.74 -11.73 29.80
N GLN A 161 16.70 -10.45 30.16
CA GLN A 161 15.84 -9.98 31.23
C GLN A 161 14.37 -9.99 30.80
N PRO A 162 13.41 -10.17 31.75
CA PRO A 162 11.97 -10.22 31.40
C PRO A 162 11.40 -8.95 30.76
N THR A 163 12.04 -7.80 31.02
CA THR A 163 11.67 -6.52 30.41
C THR A 163 12.25 -6.28 29.01
N HIS A 164 13.18 -7.13 28.57
CA HIS A 164 13.82 -6.95 27.26
C HIS A 164 12.77 -7.06 26.14
N PRO A 165 12.71 -6.06 25.23
CA PRO A 165 11.64 -5.99 24.21
C PRO A 165 11.51 -7.22 23.30
N ILE A 166 12.64 -7.81 22.92
CA ILE A 166 12.67 -9.08 22.19
C ILE A 166 12.11 -10.27 22.98
N ARG A 167 12.40 -10.35 24.28
CA ARG A 167 11.79 -11.39 25.12
C ARG A 167 10.28 -11.22 25.18
N LEU A 168 9.85 -9.99 25.46
CA LEU A 168 8.44 -9.64 25.51
C LEU A 168 7.76 -9.85 24.15
N GLY A 169 8.42 -9.42 23.09
CA GLY A 169 7.92 -9.61 21.72
C GLY A 169 7.73 -11.06 21.34
N LEU A 170 8.65 -11.91 21.78
CA LEU A 170 8.52 -13.36 21.57
C LEU A 170 7.31 -13.91 22.32
N ALA A 171 7.13 -13.49 23.57
CA ALA A 171 5.98 -13.93 24.38
C ALA A 171 4.64 -13.53 23.75
N LEU A 172 4.57 -12.31 23.22
CA LEU A 172 3.39 -11.86 22.50
C LEU A 172 3.09 -12.77 21.29
N ASN A 173 4.08 -12.97 20.42
CA ASN A 173 3.89 -13.74 19.18
C ASN A 173 3.63 -15.22 19.43
N PHE A 174 4.27 -15.78 20.44
CA PHE A 174 4.11 -17.20 20.78
C PHE A 174 2.70 -17.43 21.36
N SER A 175 2.24 -16.50 22.19
CA SER A 175 0.88 -16.56 22.74
C SER A 175 -0.15 -16.47 21.61
N VAL A 176 0.08 -15.59 20.65
CA VAL A 176 -0.78 -15.49 19.45
C VAL A 176 -0.80 -16.81 18.67
N PHE A 177 0.37 -17.46 18.55
CA PHE A 177 0.46 -18.77 17.90
C PHE A 177 -0.45 -19.81 18.58
N TYR A 178 -0.33 -19.92 19.90
CA TYR A 178 -1.17 -20.84 20.68
C TYR A 178 -2.66 -20.57 20.48
N TYR A 179 -3.05 -19.30 20.53
CA TYR A 179 -4.46 -18.91 20.36
C TYR A 179 -4.97 -19.14 18.94
N GLU A 180 -4.24 -18.63 17.95
CA GLU A 180 -4.74 -18.57 16.56
C GLU A 180 -4.45 -19.83 15.73
N ILE A 181 -3.31 -20.48 15.96
CA ILE A 181 -2.93 -21.67 15.19
C ILE A 181 -3.31 -22.96 15.92
N LEU A 182 -3.01 -23.03 17.22
CA LEU A 182 -3.20 -24.24 18.02
C LEU A 182 -4.53 -24.24 18.79
N ASN A 183 -5.34 -23.18 18.64
CA ASN A 183 -6.67 -23.08 19.26
C ASN A 183 -6.64 -23.38 20.77
N SER A 184 -5.60 -22.89 21.44
CA SER A 184 -5.32 -23.19 22.85
C SER A 184 -5.30 -21.92 23.73
N PRO A 185 -6.48 -21.28 23.93
CA PRO A 185 -6.54 -20.04 24.70
C PRO A 185 -5.92 -20.05 26.10
N GLU A 186 -5.99 -21.19 26.79
CA GLU A 186 -5.45 -21.31 28.15
C GLU A 186 -3.92 -21.28 28.17
N LYS A 187 -3.30 -21.96 27.21
CA LYS A 187 -1.85 -21.89 27.07
C LYS A 187 -1.42 -20.48 26.63
N ALA A 188 -2.18 -19.87 25.71
CA ALA A 188 -1.94 -18.51 25.25
C ALA A 188 -2.01 -17.49 26.38
N CYS A 189 -3.08 -17.56 27.18
CA CYS A 189 -3.23 -16.67 28.34
C CYS A 189 -2.12 -16.87 29.37
N SER A 190 -1.76 -18.13 29.62
CA SER A 190 -0.73 -18.44 30.62
C SER A 190 0.62 -17.85 30.22
N LEU A 191 1.00 -18.08 28.97
CA LEU A 191 2.25 -17.55 28.43
C LEU A 191 2.29 -16.02 28.53
N ALA A 192 1.20 -15.38 28.08
CA ALA A 192 1.11 -13.91 28.10
C ALA A 192 1.11 -13.33 29.53
N LYS A 193 0.36 -13.96 30.42
CA LYS A 193 0.25 -13.50 31.81
C LYS A 193 1.57 -13.60 32.57
N THR A 194 2.26 -14.74 32.44
CA THR A 194 3.54 -14.91 33.13
C THR A 194 4.58 -13.93 32.58
N ALA A 195 4.59 -13.72 31.27
CA ALA A 195 5.50 -12.72 30.66
C ALA A 195 5.21 -11.31 31.16
N PHE A 196 3.93 -10.93 31.21
CA PHE A 196 3.53 -9.65 31.79
C PHE A 196 3.98 -9.52 33.25
N ASP A 197 3.66 -10.54 34.05
CA ASP A 197 3.93 -10.52 35.49
C ASP A 197 5.42 -10.52 35.84
N GLU A 198 6.20 -11.30 35.12
CA GLU A 198 7.65 -11.30 35.30
C GLU A 198 8.27 -9.94 34.99
N ALA A 199 7.78 -9.29 33.95
CA ALA A 199 8.24 -7.95 33.56
C ALA A 199 7.88 -6.90 34.62
N ILE A 200 6.65 -6.97 35.12
CA ILE A 200 6.20 -6.09 36.21
C ILE A 200 7.09 -6.25 37.44
N ALA A 201 7.43 -7.50 37.77
CA ALA A 201 8.28 -7.80 38.94
C ALA A 201 9.70 -7.24 38.82
N GLU A 202 10.24 -7.18 37.61
CA GLU A 202 11.62 -6.71 37.37
C GLU A 202 11.63 -5.39 36.63
N LEU A 203 10.84 -4.41 37.10
CA LEU A 203 10.88 -3.05 36.51
C LEU A 203 12.18 -2.29 36.85
N ASP A 204 12.92 -2.78 37.86
CA ASP A 204 14.27 -2.28 38.18
C ASP A 204 15.25 -2.36 37.00
N THR A 205 15.18 -3.47 36.24
CA THR A 205 16.13 -3.78 35.17
C THR A 205 15.64 -3.33 33.78
N LEU A 206 15.23 -2.07 33.68
CA LEU A 206 14.66 -1.47 32.48
C LEU A 206 15.59 -0.37 31.98
N SER A 207 15.87 -0.37 30.67
CA SER A 207 16.83 0.57 30.06
C SER A 207 16.13 1.79 29.46
N GLU A 208 16.80 2.94 29.53
CA GLU A 208 16.27 4.21 29.00
C GLU A 208 16.07 4.22 27.48
N GLU A 209 16.90 3.45 26.76
CA GLU A 209 16.76 3.32 25.30
C GLU A 209 15.56 2.47 24.87
N SER A 210 15.18 1.47 25.69
CA SER A 210 14.22 0.43 25.30
C SER A 210 12.93 0.34 26.14
N TYR A 211 12.73 1.22 27.12
CA TYR A 211 11.55 1.14 28.00
C TYR A 211 10.22 1.40 27.29
N LYS A 212 10.22 2.29 26.31
CA LYS A 212 9.01 2.61 25.54
C LYS A 212 8.48 1.39 24.81
N ASP A 213 9.38 0.67 24.12
CA ASP A 213 9.01 -0.56 23.40
C ASP A 213 8.50 -1.64 24.37
N SER A 214 9.22 -1.83 25.47
CA SER A 214 8.88 -2.85 26.47
C SER A 214 7.51 -2.64 27.08
N THR A 215 7.23 -1.41 27.53
CA THR A 215 5.94 -1.08 28.14
C THR A 215 4.81 -1.09 27.11
N LEU A 216 5.10 -0.81 25.85
CA LEU A 216 4.08 -0.94 24.79
C LEU A 216 3.70 -2.41 24.57
N ILE A 217 4.69 -3.30 24.57
CA ILE A 217 4.45 -4.72 24.34
C ILE A 217 3.72 -5.34 25.55
N MET A 218 4.08 -4.94 26.76
CA MET A 218 3.36 -5.35 27.98
C MET A 218 1.88 -4.98 27.88
N GLN A 219 1.60 -3.75 27.42
CA GLN A 219 0.22 -3.32 27.20
C GLN A 219 -0.53 -4.20 26.19
N LEU A 220 0.16 -4.63 25.13
CA LEU A 220 -0.41 -5.54 24.13
C LEU A 220 -0.68 -6.94 24.70
N LEU A 221 0.24 -7.45 25.51
CA LEU A 221 0.03 -8.73 26.20
C LEU A 221 -1.22 -8.70 27.07
N ARG A 222 -1.36 -7.65 27.89
CA ARG A 222 -2.55 -7.51 28.74
C ARG A 222 -3.84 -7.28 27.95
N ASP A 223 -3.76 -6.49 26.87
CA ASP A 223 -4.91 -6.32 25.96
C ASP A 223 -5.43 -7.66 25.43
N ASN A 224 -4.51 -8.57 25.09
CA ASN A 224 -4.88 -9.92 24.67
C ASN A 224 -5.48 -10.75 25.80
N LEU A 225 -4.94 -10.64 27.02
CA LEU A 225 -5.50 -11.32 28.19
C LEU A 225 -6.97 -10.98 28.39
N THR A 226 -7.27 -9.68 28.44
CA THR A 226 -8.65 -9.22 28.64
C THR A 226 -9.56 -9.54 27.44
N LEU A 227 -9.02 -9.48 26.22
CA LEU A 227 -9.75 -9.91 25.02
C LEU A 227 -10.08 -11.40 25.08
N TRP A 228 -9.07 -12.23 25.34
CA TRP A 228 -9.24 -13.69 25.39
C TRP A 228 -10.02 -14.18 26.62
N THR A 229 -10.12 -13.35 27.65
CA THR A 229 -11.05 -13.57 28.77
C THR A 229 -12.42 -13.05 28.36
N MET B 1 -11.11 -15.08 -20.11
CA MET B 1 -11.21 -13.60 -19.86
C MET B 1 -12.49 -13.02 -20.48
N ASP B 2 -13.60 -13.28 -19.80
CA ASP B 2 -14.93 -12.78 -20.17
C ASP B 2 -15.16 -11.41 -19.49
N LYS B 3 -16.00 -10.57 -20.09
CA LYS B 3 -16.22 -9.19 -19.60
C LYS B 3 -16.70 -9.17 -18.15
N ASN B 4 -17.75 -9.92 -17.85
CA ASN B 4 -18.28 -10.05 -16.47
C ASN B 4 -17.26 -10.65 -15.51
N GLU B 5 -16.56 -11.67 -15.99
CA GLU B 5 -15.51 -12.34 -15.23
C GLU B 5 -14.39 -11.37 -14.84
N LEU B 6 -13.91 -10.60 -15.82
CA LEU B 6 -12.86 -9.59 -15.60
C LEU B 6 -13.31 -8.46 -14.65
N VAL B 7 -14.55 -8.01 -14.80
CA VAL B 7 -15.13 -6.98 -13.92
C VAL B 7 -15.25 -7.51 -12.48
N GLN B 8 -15.71 -8.75 -12.32
CA GLN B 8 -15.78 -9.39 -11.01
C GLN B 8 -14.41 -9.57 -10.36
N LYS B 9 -13.42 -9.97 -11.16
CA LYS B 9 -12.03 -10.07 -10.70
C LYS B 9 -11.45 -8.70 -10.30
N ALA B 10 -11.81 -7.65 -11.05
CA ALA B 10 -11.41 -6.28 -10.73
C ALA B 10 -11.96 -5.81 -9.38
N LYS B 11 -13.23 -6.11 -9.12
CA LYS B 11 -13.86 -5.81 -7.83
C LYS B 11 -13.26 -6.59 -6.67
N LEU B 12 -12.87 -7.84 -6.92
CA LEU B 12 -12.14 -8.64 -5.92
C LEU B 12 -10.78 -8.03 -5.60
N ALA B 13 -10.05 -7.67 -6.64
CA ALA B 13 -8.75 -7.04 -6.51
C ALA B 13 -8.85 -5.70 -5.77
N GLU B 14 -9.91 -4.94 -6.02
CA GLU B 14 -10.15 -3.68 -5.31
C GLU B 14 -10.26 -3.90 -3.80
N GLN B 15 -11.10 -4.84 -3.39
CA GLN B 15 -11.28 -5.18 -1.96
C GLN B 15 -9.97 -5.69 -1.35
N ALA B 16 -9.23 -6.48 -2.11
CA ALA B 16 -7.89 -6.94 -1.72
C ALA B 16 -6.76 -5.88 -1.79
N GLU B 17 -7.08 -4.65 -2.21
CA GLU B 17 -6.11 -3.57 -2.38
C GLU B 17 -4.91 -3.98 -3.24
N ARG B 18 -5.22 -4.71 -4.31
CA ARG B 18 -4.25 -5.22 -5.26
C ARG B 18 -4.53 -4.50 -6.58
N TYR B 19 -4.06 -3.26 -6.66
CA TYR B 19 -4.46 -2.33 -7.71
C TYR B 19 -3.81 -2.55 -9.07
N ASP B 20 -2.62 -3.17 -9.11
CA ASP B 20 -2.02 -3.60 -10.38
C ASP B 20 -2.94 -4.61 -11.08
N ASP B 21 -3.33 -5.66 -10.36
CA ASP B 21 -4.31 -6.65 -10.84
C ASP B 21 -5.59 -5.97 -11.30
N MET B 22 -6.08 -5.02 -10.51
CA MET B 22 -7.32 -4.32 -10.82
C MET B 22 -7.23 -3.58 -12.15
N ALA B 23 -6.13 -2.84 -12.34
CA ALA B 23 -5.87 -2.11 -13.57
C ALA B 23 -5.72 -3.04 -14.77
N ALA B 24 -5.00 -4.15 -14.59
CA ALA B 24 -4.83 -5.17 -15.64
C ALA B 24 -6.16 -5.74 -16.12
N CYS B 25 -7.09 -5.98 -15.19
CA CYS B 25 -8.43 -6.47 -15.50
C CYS B 25 -9.24 -5.45 -16.31
N MET B 26 -9.27 -4.21 -15.83
CA MET B 26 -10.03 -3.15 -16.50
C MET B 26 -9.36 -2.63 -17.77
N LYS B 27 -8.05 -2.86 -17.91
CA LYS B 27 -7.35 -2.58 -19.16
C LYS B 27 -7.88 -3.50 -20.26
N SER B 28 -7.88 -4.80 -19.98
CA SER B 28 -8.35 -5.79 -20.95
C SER B 28 -9.84 -5.65 -21.26
N VAL B 29 -10.65 -5.25 -20.26
CA VAL B 29 -12.07 -4.95 -20.47
C VAL B 29 -12.23 -3.80 -21.46
N THR B 30 -11.48 -2.72 -21.22
CA THR B 30 -11.46 -1.56 -22.11
C THR B 30 -11.05 -1.94 -23.54
N GLU B 31 -10.05 -2.82 -23.64
CA GLU B 31 -9.54 -3.28 -24.95
C GLU B 31 -10.50 -4.16 -25.78
N GLN B 32 -11.57 -4.67 -25.16
CA GLN B 32 -12.63 -5.38 -25.90
C GLN B 32 -13.41 -4.48 -26.88
N GLY B 33 -13.30 -3.16 -26.72
CA GLY B 33 -13.80 -2.20 -27.70
C GLY B 33 -15.15 -1.58 -27.38
N ALA B 34 -15.91 -2.19 -26.47
CA ALA B 34 -17.25 -1.69 -26.10
C ALA B 34 -17.19 -0.50 -25.13
N GLU B 35 -18.20 0.36 -25.22
CA GLU B 35 -18.35 1.50 -24.32
C GLU B 35 -18.53 1.02 -22.87
N LEU B 36 -17.72 1.56 -21.95
CA LEU B 36 -17.81 1.16 -20.54
C LEU B 36 -19.05 1.73 -19.87
N SER B 37 -19.64 0.96 -18.96
CA SER B 37 -20.69 1.44 -18.09
C SER B 37 -20.12 2.40 -17.04
N ASN B 38 -21.02 3.03 -16.29
CA ASN B 38 -20.63 3.87 -15.16
C ASN B 38 -19.76 3.10 -14.18
N GLU B 39 -20.20 1.90 -13.81
CA GLU B 39 -19.48 1.04 -12.89
C GLU B 39 -18.05 0.73 -13.35
N GLU B 40 -17.92 0.24 -14.58
CA GLU B 40 -16.63 -0.16 -15.17
C GLU B 40 -15.65 1.00 -15.24
N ARG B 41 -16.16 2.10 -15.75
CA ARG B 41 -15.47 3.39 -15.83
C ARG B 41 -14.84 3.79 -14.49
N ASN B 42 -15.64 3.73 -13.43
CA ASN B 42 -15.15 4.02 -12.07
C ASN B 42 -14.09 3.01 -11.61
N LEU B 43 -14.27 1.72 -11.91
CA LEU B 43 -13.26 0.71 -11.59
C LEU B 43 -11.92 0.97 -12.30
N LEU B 44 -11.98 1.25 -13.60
CA LEU B 44 -10.79 1.68 -14.35
C LEU B 44 -10.13 2.90 -13.69
N SER B 45 -10.95 3.90 -13.39
CA SER B 45 -10.45 5.15 -12.83
C SER B 45 -9.78 4.94 -11.46
N VAL B 46 -10.42 4.15 -10.59
CA VAL B 46 -9.89 3.91 -9.25
C VAL B 46 -8.60 3.12 -9.32
N ALA B 47 -8.55 2.13 -10.20
CA ALA B 47 -7.38 1.26 -10.34
C ALA B 47 -6.12 2.05 -10.69
N TYR B 48 -6.22 2.85 -11.76
CA TYR B 48 -5.06 3.62 -12.23
C TYR B 48 -4.69 4.79 -11.34
N LYS B 49 -5.68 5.34 -10.63
CA LYS B 49 -5.42 6.41 -9.70
C LYS B 49 -4.48 5.84 -8.63
N ASN B 50 -4.82 4.67 -8.12
CA ASN B 50 -3.99 3.99 -7.13
C ASN B 50 -2.64 3.54 -7.67
N VAL B 51 -2.60 3.02 -8.90
CA VAL B 51 -1.35 2.56 -9.52
C VAL B 51 -0.38 3.73 -9.75
N VAL B 52 -0.86 4.83 -10.34
CA VAL B 52 -0.02 6.03 -10.52
C VAL B 52 0.24 6.70 -9.18
N GLY B 53 -0.77 6.75 -8.32
CA GLY B 53 -0.68 7.43 -7.04
C GLY B 53 0.47 6.96 -6.18
N ALA B 54 0.66 5.63 -6.12
CA ALA B 54 1.77 5.07 -5.38
C ALA B 54 3.10 5.63 -5.88
N ARG B 55 3.27 5.72 -7.20
CA ARG B 55 4.50 6.24 -7.80
C ARG B 55 4.67 7.75 -7.58
N ARG B 56 3.57 8.50 -7.65
CA ARG B 56 3.58 9.94 -7.38
C ARG B 56 3.97 10.22 -5.93
N SER B 57 3.46 9.40 -5.01
CA SER B 57 3.76 9.52 -3.60
C SER B 57 5.23 9.21 -3.33
N SER B 58 5.73 8.13 -3.92
CA SER B 58 7.15 7.78 -3.84
C SER B 58 8.04 8.86 -4.45
N TRP B 59 7.65 9.35 -5.61
CA TRP B 59 8.38 10.41 -6.32
C TRP B 59 8.58 11.66 -5.46
N ARG B 60 7.53 12.10 -4.78
CA ARG B 60 7.60 13.28 -3.92
C ARG B 60 8.53 13.10 -2.72
N VAL B 61 8.57 11.90 -2.15
CA VAL B 61 9.46 11.60 -1.02
C VAL B 61 10.92 11.57 -1.48
N VAL B 62 11.20 10.83 -2.55
CA VAL B 62 12.56 10.68 -3.08
C VAL B 62 13.09 12.00 -3.62
N SER B 63 12.24 12.75 -4.33
CA SER B 63 12.57 14.08 -4.85
C SER B 63 12.93 15.06 -3.74
N SER B 64 12.15 15.04 -2.65
CA SER B 64 12.40 15.91 -1.49
C SER B 64 13.70 15.53 -0.75
N ILE B 65 14.00 14.23 -0.70
CA ILE B 65 15.26 13.75 -0.11
C ILE B 65 16.46 14.18 -0.96
N GLU B 66 16.33 14.14 -2.29
CA GLU B 66 17.36 14.66 -3.19
C GLU B 66 17.68 16.13 -2.94
N GLN B 67 16.63 16.94 -2.73
CA GLN B 67 16.77 18.38 -2.51
C GLN B 67 17.32 18.74 -1.11
N LYS B 68 17.15 17.86 -0.14
CA LYS B 68 17.58 18.12 1.25
C LYS B 68 18.97 17.55 1.61
N THR B 69 19.74 17.12 0.62
CA THR B 69 21.08 16.53 0.85
C THR B 69 22.21 17.48 0.43
N GLU B 70 22.99 17.91 1.43
CA GLU B 70 24.16 18.77 1.23
C GLU B 70 25.45 18.00 1.50
N ALA B 72 25.89 14.84 0.16
CA ALA B 72 27.02 14.86 -0.76
C ALA B 72 26.76 14.01 -2.02
N GLU B 73 27.66 14.15 -3.01
CA GLU B 73 27.51 13.56 -4.36
C GLU B 73 27.15 12.07 -4.41
N LYS B 74 27.63 11.28 -3.44
CA LYS B 74 27.32 9.85 -3.37
C LYS B 74 25.83 9.60 -3.05
N LYS B 75 25.31 10.33 -2.06
CA LYS B 75 23.93 10.18 -1.61
C LYS B 75 22.91 10.77 -2.61
N GLN B 76 23.22 11.95 -3.16
CA GLN B 76 22.38 12.61 -4.18
C GLN B 76 22.19 11.78 -5.44
N GLN B 77 23.30 11.26 -5.97
CA GLN B 77 23.27 10.42 -7.19
C GLN B 77 22.38 9.18 -7.03
N MET B 78 22.28 8.66 -5.80
CA MET B 78 21.41 7.54 -5.48
C MET B 78 19.94 7.96 -5.50
N ALA B 79 19.63 9.04 -4.78
CA ALA B 79 18.29 9.63 -4.79
C ALA B 79 17.86 10.02 -6.20
N ARG B 80 18.77 10.64 -6.95
CA ARG B 80 18.55 11.01 -8.35
C ARG B 80 18.20 9.80 -9.20
N GLU B 81 19.04 8.77 -9.17
CA GLU B 81 18.83 7.55 -9.97
C GLU B 81 17.55 6.80 -9.58
N TYR B 82 17.16 6.89 -8.31
CA TYR B 82 15.94 6.23 -7.83
C TYR B 82 14.70 7.03 -8.26
N ARG B 83 14.76 8.35 -8.17
CA ARG B 83 13.73 9.22 -8.74
C ARG B 83 13.47 8.91 -10.21
N GLU B 84 14.55 8.78 -10.99
CA GLU B 84 14.45 8.49 -12.43
C GLU B 84 13.86 7.11 -12.74
N LYS B 85 14.17 6.12 -11.90
CA LYS B 85 13.55 4.78 -11.99
C LYS B 85 12.04 4.86 -11.74
N ILE B 86 11.67 5.60 -10.70
CA ILE B 86 10.26 5.83 -10.35
C ILE B 86 9.54 6.63 -11.44
N GLU B 87 10.23 7.62 -12.01
CA GLU B 87 9.70 8.41 -13.12
C GLU B 87 9.32 7.58 -14.35
N THR B 88 10.19 6.65 -14.76
CA THR B 88 9.90 5.83 -15.95
C THR B 88 8.70 4.90 -15.73
N GLU B 89 8.59 4.32 -14.53
CA GLU B 89 7.39 3.57 -14.13
C GLU B 89 6.14 4.44 -14.24
N LEU B 90 6.24 5.66 -13.71
CA LEU B 90 5.15 6.62 -13.70
C LEU B 90 4.71 7.01 -15.13
N ARG B 91 5.69 7.29 -16.00
CA ARG B 91 5.40 7.63 -17.40
C ARG B 91 4.80 6.47 -18.18
N ASP B 92 5.29 5.25 -17.93
CA ASP B 92 4.72 4.04 -18.55
C ASP B 92 3.23 3.88 -18.21
N ILE B 93 2.88 4.17 -16.96
CA ILE B 93 1.50 4.03 -16.49
C ILE B 93 0.61 5.13 -17.10
N CYS B 94 1.09 6.37 -17.07
CA CYS B 94 0.35 7.48 -17.67
C CYS B 94 0.09 7.28 -19.15
N ASN B 95 1.10 6.82 -19.88
CA ASN B 95 0.97 6.53 -21.31
C ASN B 95 0.06 5.32 -21.61
N ASP B 96 0.00 4.34 -20.72
CA ASP B 96 -1.01 3.26 -20.80
C ASP B 96 -2.42 3.84 -20.79
N VAL B 97 -2.69 4.69 -19.81
CA VAL B 97 -4.02 5.28 -19.59
C VAL B 97 -4.40 6.22 -20.74
N LEU B 98 -3.46 7.07 -21.14
CA LEU B 98 -3.66 8.00 -22.26
C LEU B 98 -3.90 7.27 -23.57
N SER B 99 -3.26 6.14 -23.77
CA SER B 99 -3.48 5.32 -24.96
C SER B 99 -4.90 4.74 -24.94
N LEU B 100 -5.32 4.21 -23.80
CA LEU B 100 -6.70 3.72 -23.64
C LEU B 100 -7.72 4.82 -23.89
N LEU B 101 -7.42 6.02 -23.41
CA LEU B 101 -8.29 7.17 -23.63
C LEU B 101 -8.44 7.55 -25.11
N GLU B 102 -7.33 7.61 -25.83
CA GLU B 102 -7.36 7.97 -27.27
C GLU B 102 -7.96 6.88 -28.15
N LYS B 103 -7.55 5.63 -27.93
CA LYS B 103 -7.95 4.52 -28.80
C LYS B 103 -9.38 4.03 -28.60
N PHE B 104 -9.85 3.97 -27.35
CA PHE B 104 -11.15 3.35 -27.01
C PHE B 104 -12.17 4.24 -26.29
N LEU B 105 -11.74 4.93 -25.24
CA LEU B 105 -12.69 5.56 -24.29
C LEU B 105 -13.33 6.84 -24.82
N ILE B 106 -12.52 7.80 -25.24
CA ILE B 106 -13.04 9.08 -25.76
C ILE B 106 -13.87 8.90 -27.06
N PRO B 107 -13.35 8.15 -28.05
CA PRO B 107 -14.13 7.93 -29.29
C PRO B 107 -15.52 7.31 -29.12
N ASN B 108 -15.65 6.32 -28.22
CA ASN B 108 -16.93 5.64 -27.99
C ASN B 108 -17.88 6.32 -26.98
N ALA B 109 -17.47 7.46 -26.41
CA ALA B 109 -18.27 8.10 -25.37
C ALA B 109 -19.53 8.72 -25.98
N SER B 110 -20.67 8.06 -25.74
CA SER B 110 -21.93 8.41 -26.38
C SER B 110 -22.72 9.52 -25.67
N GLN B 111 -22.23 10.00 -24.52
CA GLN B 111 -22.95 10.99 -23.70
C GLN B 111 -22.01 12.04 -23.18
N ALA B 112 -22.55 13.21 -22.85
CA ALA B 112 -21.76 14.33 -22.35
C ALA B 112 -21.02 13.96 -21.07
N GLU B 113 -21.72 13.33 -20.12
CA GLU B 113 -21.13 12.79 -18.89
C GLU B 113 -19.84 12.03 -19.13
N SER B 114 -19.92 11.01 -19.99
CA SER B 114 -18.79 10.17 -20.37
C SER B 114 -17.65 10.99 -20.96
N LYS B 115 -18.00 11.85 -21.92
CA LYS B 115 -17.04 12.71 -22.60
C LYS B 115 -16.22 13.53 -21.61
N VAL B 116 -16.93 14.28 -20.75
CA VAL B 116 -16.31 15.14 -19.74
C VAL B 116 -15.43 14.32 -18.79
N PHE B 117 -15.94 13.18 -18.33
CA PHE B 117 -15.21 12.27 -17.44
C PHE B 117 -13.87 11.85 -18.05
N TYR B 118 -13.89 11.38 -19.29
CA TYR B 118 -12.67 10.92 -19.96
C TYR B 118 -11.71 12.07 -20.33
N LEU B 119 -12.25 13.22 -20.71
CA LEU B 119 -11.42 14.39 -20.97
C LEU B 119 -10.77 14.94 -19.69
N LYS B 120 -11.50 14.91 -18.58
CA LYS B 120 -10.92 15.23 -17.28
C LYS B 120 -9.77 14.28 -16.96
N MET B 121 -10.03 12.99 -17.15
CA MET B 121 -9.04 11.94 -16.96
C MET B 121 -7.79 12.16 -17.83
N LYS B 122 -7.99 12.52 -19.09
CA LYS B 122 -6.88 12.87 -19.99
C LYS B 122 -6.07 14.04 -19.43
N GLY B 123 -6.78 15.08 -18.99
CA GLY B 123 -6.13 16.21 -18.32
C GLY B 123 -5.31 15.82 -17.11
N ASP B 124 -5.88 14.93 -16.28
CA ASP B 124 -5.20 14.44 -15.08
C ASP B 124 -3.89 13.73 -15.39
N TYR B 125 -3.92 12.81 -16.36
CA TYR B 125 -2.72 11.99 -16.63
C TYR B 125 -1.63 12.73 -17.42
N TYR B 126 -1.99 13.74 -18.22
CA TYR B 126 -0.99 14.69 -18.75
C TYR B 126 -0.44 15.58 -17.64
N ARG B 127 -1.29 16.00 -16.70
CA ARG B 127 -0.84 16.76 -15.52
C ARG B 127 0.18 15.98 -14.68
N TYR B 128 0.00 14.66 -14.54
CA TYR B 128 0.95 13.85 -13.79
C TYR B 128 2.27 13.71 -14.53
N LEU B 129 2.21 13.61 -15.86
CA LEU B 129 3.42 13.66 -16.70
C LEU B 129 4.12 15.01 -16.56
N ALA B 130 3.32 16.10 -16.47
CA ALA B 130 3.85 17.46 -16.31
C ALA B 130 4.59 17.68 -14.99
N GLU B 131 4.08 17.09 -13.89
CA GLU B 131 4.76 17.12 -12.57
C GLU B 131 6.20 16.59 -12.64
N VAL B 132 6.45 15.73 -13.61
CA VAL B 132 7.68 14.97 -13.73
C VAL B 132 8.51 15.35 -14.97
N ALA B 133 8.01 16.30 -15.75
CA ALA B 133 8.67 16.74 -16.98
C ALA B 133 9.96 17.49 -16.70
N ALA B 134 10.87 17.43 -17.68
CA ALA B 134 12.20 18.03 -17.55
C ALA B 134 12.21 19.52 -17.93
N GLY B 135 11.44 19.88 -18.97
CA GLY B 135 11.27 21.29 -19.36
C GLY B 135 11.06 21.50 -20.85
N ASP B 136 11.87 20.82 -21.68
CA ASP B 136 11.71 20.87 -23.13
C ASP B 136 10.38 20.25 -23.58
N ASP B 137 10.19 18.99 -23.24
CA ASP B 137 8.93 18.28 -23.47
C ASP B 137 7.78 18.86 -22.66
N LYS B 138 8.10 19.41 -21.49
CA LYS B 138 7.11 19.93 -20.54
C LYS B 138 6.04 20.86 -21.13
N LYS B 139 6.45 21.89 -21.85
CA LYS B 139 5.50 22.88 -22.41
C LYS B 139 4.44 22.21 -23.29
N GLY B 140 4.87 21.24 -24.10
CA GLY B 140 3.96 20.41 -24.89
C GLY B 140 3.07 19.50 -24.07
N ILE B 141 3.60 18.96 -22.97
CA ILE B 141 2.81 18.15 -22.01
C ILE B 141 1.74 19.03 -21.33
N VAL B 142 2.16 20.20 -20.84
CA VAL B 142 1.26 21.12 -20.14
C VAL B 142 0.11 21.60 -21.03
N ASP B 143 0.40 21.84 -22.31
CA ASP B 143 -0.64 22.26 -23.26
C ASP B 143 -1.67 21.15 -23.52
N GLN B 144 -1.22 19.90 -23.59
CA GLN B 144 -2.13 18.75 -23.75
C GLN B 144 -3.09 18.66 -22.57
N SER B 145 -2.55 18.80 -21.36
CA SER B 145 -3.34 18.78 -20.13
C SER B 145 -4.41 19.87 -20.17
N GLN B 146 -3.99 21.09 -20.46
CA GLN B 146 -4.89 22.24 -20.48
C GLN B 146 -5.97 22.16 -21.55
N GLN B 147 -5.62 21.65 -22.74
CA GLN B 147 -6.59 21.46 -23.81
C GLN B 147 -7.66 20.44 -23.43
N ALA B 148 -7.23 19.33 -22.83
CA ALA B 148 -8.16 18.31 -22.34
C ALA B 148 -9.13 18.89 -21.30
N TYR B 149 -8.58 19.51 -20.26
CA TYR B 149 -9.40 20.15 -19.23
C TYR B 149 -10.34 21.22 -19.78
N GLN B 150 -9.86 22.00 -20.75
CA GLN B 150 -10.64 23.10 -21.32
C GLN B 150 -11.84 22.58 -22.10
N GLU B 151 -11.62 21.60 -22.98
CA GLU B 151 -12.72 20.98 -23.73
C GLU B 151 -13.77 20.40 -22.77
N ALA B 152 -13.30 19.71 -21.73
CA ALA B 152 -14.16 19.15 -20.69
C ALA B 152 -14.96 20.24 -19.97
N PHE B 153 -14.27 21.34 -19.63
CA PHE B 153 -14.89 22.45 -18.91
C PHE B 153 -16.05 23.04 -19.71
N GLU B 154 -15.85 23.16 -21.02
CA GLU B 154 -16.86 23.78 -21.90
C GLU B 154 -18.07 22.90 -22.10
N ILE B 155 -17.86 21.60 -22.30
CA ILE B 155 -18.97 20.63 -22.38
C ILE B 155 -19.72 20.59 -21.04
N SER B 156 -18.99 20.61 -19.92
CA SER B 156 -19.64 20.54 -18.59
C SER B 156 -20.54 21.75 -18.33
N LYS B 157 -20.09 22.94 -18.69
CA LYS B 157 -20.90 24.17 -18.54
C LYS B 157 -22.18 24.15 -19.39
N LYS B 158 -22.07 23.64 -20.61
CA LYS B 158 -23.22 23.56 -21.52
C LYS B 158 -24.22 22.47 -21.11
N GLU B 159 -23.71 21.30 -20.68
CA GLU B 159 -24.54 20.08 -20.58
C GLU B 159 -24.86 19.54 -19.17
N MET B 160 -24.24 20.09 -18.13
CA MET B 160 -24.47 19.60 -16.75
C MET B 160 -24.85 20.74 -15.80
N GLN B 161 -25.61 20.40 -14.77
CA GLN B 161 -25.93 21.35 -13.70
C GLN B 161 -24.69 21.62 -12.82
N PRO B 162 -24.64 22.79 -12.15
CA PRO B 162 -23.48 23.14 -11.29
C PRO B 162 -23.18 22.17 -10.14
N THR B 163 -24.21 21.47 -9.65
CA THR B 163 -24.06 20.52 -8.55
C THR B 163 -23.68 19.09 -8.98
N HIS B 164 -23.52 18.86 -10.28
CA HIS B 164 -23.14 17.54 -10.76
C HIS B 164 -21.70 17.18 -10.33
N PRO B 165 -21.50 15.99 -9.71
CA PRO B 165 -20.18 15.67 -9.14
C PRO B 165 -19.01 15.64 -10.14
N ILE B 166 -19.29 15.29 -11.38
CA ILE B 166 -18.28 15.28 -12.45
C ILE B 166 -17.88 16.71 -12.82
N ARG B 167 -18.87 17.59 -12.94
CA ARG B 167 -18.60 19.01 -13.19
C ARG B 167 -17.81 19.66 -12.05
N LEU B 168 -18.24 19.41 -10.82
CA LEU B 168 -17.53 19.90 -9.64
C LEU B 168 -16.11 19.31 -9.54
N GLY B 169 -15.98 18.03 -9.81
CA GLY B 169 -14.69 17.34 -9.81
C GLY B 169 -13.73 17.88 -10.85
N LEU B 170 -14.26 18.20 -12.03
CA LEU B 170 -13.48 18.84 -13.08
C LEU B 170 -12.98 20.21 -12.63
N ALA B 171 -13.87 21.01 -12.05
CA ALA B 171 -13.48 22.31 -11.52
C ALA B 171 -12.35 22.18 -10.49
N LEU B 172 -12.48 21.23 -9.56
CA LEU B 172 -11.44 20.99 -8.55
C LEU B 172 -10.08 20.67 -9.18
N ASN B 173 -10.06 19.67 -10.06
CA ASN B 173 -8.82 19.25 -10.72
C ASN B 173 -8.24 20.34 -11.63
N PHE B 174 -9.12 21.01 -12.36
CA PHE B 174 -8.72 22.10 -13.25
C PHE B 174 -8.09 23.24 -12.45
N SER B 175 -8.69 23.56 -11.30
CA SER B 175 -8.13 24.58 -10.39
C SER B 175 -6.77 24.18 -9.83
N VAL B 176 -6.63 22.90 -9.47
CA VAL B 176 -5.34 22.37 -9.02
C VAL B 176 -4.28 22.49 -10.12
N PHE B 177 -4.66 22.21 -11.37
CA PHE B 177 -3.77 22.38 -12.53
C PHE B 177 -3.24 23.81 -12.65
N TYR B 178 -4.14 24.80 -12.52
CA TYR B 178 -3.76 26.21 -12.57
C TYR B 178 -2.77 26.58 -11.46
N TYR B 179 -3.05 26.12 -10.24
CA TYR B 179 -2.20 26.43 -9.10
C TYR B 179 -0.82 25.75 -9.18
N GLU B 180 -0.80 24.45 -9.48
CA GLU B 180 0.40 23.62 -9.32
C GLU B 180 1.26 23.46 -10.57
N ILE B 181 0.65 23.53 -11.76
CA ILE B 181 1.37 23.38 -13.02
C ILE B 181 1.66 24.74 -13.66
N LEU B 182 0.66 25.61 -13.72
CA LEU B 182 0.82 26.96 -14.30
C LEU B 182 1.28 28.03 -13.29
N ASN B 183 1.21 27.73 -12.00
CA ASN B 183 1.58 28.69 -10.93
C ASN B 183 0.80 30.00 -11.03
N SER B 184 -0.52 29.88 -11.17
CA SER B 184 -1.42 31.04 -11.12
C SER B 184 -2.46 30.88 -10.01
N PRO B 185 -2.11 31.30 -8.78
CA PRO B 185 -3.07 31.31 -7.65
C PRO B 185 -4.40 31.99 -7.95
N GLU B 186 -4.32 33.05 -8.76
CA GLU B 186 -5.44 33.89 -9.12
C GLU B 186 -6.49 33.18 -10.00
N LYS B 187 -6.01 32.49 -11.04
CA LYS B 187 -6.89 31.69 -11.92
C LYS B 187 -7.44 30.47 -11.20
N ALA B 188 -6.60 29.81 -10.42
CA ALA B 188 -7.01 28.66 -9.61
C ALA B 188 -8.13 29.04 -8.65
N CYS B 189 -7.98 30.18 -7.97
CA CYS B 189 -8.98 30.64 -7.00
C CYS B 189 -10.32 31.00 -7.64
N SER B 190 -10.29 31.70 -8.77
CA SER B 190 -11.53 32.15 -9.41
C SER B 190 -12.32 30.98 -10.02
N LEU B 191 -11.60 30.00 -10.57
CA LEU B 191 -12.21 28.77 -11.04
C LEU B 191 -12.91 28.00 -9.91
N ALA B 192 -12.20 27.81 -8.80
CA ALA B 192 -12.73 27.11 -7.62
C ALA B 192 -13.88 27.86 -6.94
N LYS B 193 -13.77 29.19 -6.89
CA LYS B 193 -14.76 30.03 -6.23
C LYS B 193 -16.11 30.03 -6.96
N THR B 194 -16.08 30.22 -8.27
CA THR B 194 -17.33 30.27 -9.05
C THR B 194 -18.00 28.90 -9.10
N ALA B 195 -17.21 27.83 -9.15
CA ALA B 195 -17.76 26.46 -9.05
C ALA B 195 -18.47 26.23 -7.72
N PHE B 196 -17.84 26.65 -6.62
CA PHE B 196 -18.46 26.55 -5.30
C PHE B 196 -19.74 27.38 -5.23
N ASP B 197 -19.65 28.66 -5.62
CA ASP B 197 -20.79 29.60 -5.51
C ASP B 197 -21.97 29.21 -6.41
N GLU B 198 -21.70 28.79 -7.63
CA GLU B 198 -22.75 28.34 -8.54
C GLU B 198 -23.46 27.08 -8.02
N ALA B 199 -22.71 26.20 -7.37
CA ALA B 199 -23.27 25.00 -6.75
C ALA B 199 -24.12 25.33 -5.51
N ILE B 200 -23.61 26.20 -4.64
CA ILE B 200 -24.40 26.72 -3.51
C ILE B 200 -25.75 27.31 -3.97
N ALA B 201 -25.70 28.08 -5.06
CA ALA B 201 -26.89 28.76 -5.59
C ALA B 201 -27.97 27.82 -6.16
N GLU B 202 -27.59 26.63 -6.64
CA GLU B 202 -28.55 25.70 -7.23
C GLU B 202 -29.46 25.10 -6.16
N LEU B 203 -30.77 25.34 -6.31
CA LEU B 203 -31.78 25.01 -5.29
C LEU B 203 -32.54 23.71 -5.59
N ASP B 204 -32.23 22.67 -4.81
CA ASP B 204 -32.79 21.33 -4.98
C ASP B 204 -32.40 20.68 -6.33
N THR B 205 -31.24 21.05 -6.87
CA THR B 205 -30.68 20.43 -8.08
C THR B 205 -30.06 19.06 -7.79
N LEU B 206 -29.73 18.79 -6.52
CA LEU B 206 -29.21 17.49 -6.09
C LEU B 206 -30.28 16.41 -6.08
N SER B 207 -29.81 15.16 -6.13
CA SER B 207 -30.66 13.97 -6.02
C SER B 207 -30.03 12.98 -5.03
N GLU B 208 -30.85 12.04 -4.55
CA GLU B 208 -30.47 11.12 -3.46
C GLU B 208 -29.18 10.33 -3.69
N GLU B 209 -28.87 10.01 -4.95
CA GLU B 209 -27.65 9.28 -5.30
C GLU B 209 -26.38 10.14 -5.18
N SER B 210 -26.40 11.33 -5.78
CA SER B 210 -25.18 12.14 -5.99
C SER B 210 -24.85 13.18 -4.92
N TYR B 211 -25.78 13.47 -4.00
CA TYR B 211 -25.62 14.61 -3.06
C TYR B 211 -24.37 14.52 -2.15
N LYS B 212 -23.99 13.30 -1.77
CA LYS B 212 -22.86 13.09 -0.87
C LYS B 212 -21.53 13.44 -1.55
N ASP B 213 -21.36 12.99 -2.79
CA ASP B 213 -20.16 13.28 -3.57
C ASP B 213 -20.03 14.76 -3.92
N SER B 214 -21.14 15.38 -4.34
CA SER B 214 -21.17 16.79 -4.71
C SER B 214 -20.78 17.70 -3.55
N THR B 215 -21.41 17.50 -2.39
CA THR B 215 -21.11 18.30 -1.20
C THR B 215 -19.69 18.07 -0.68
N LEU B 216 -19.16 16.86 -0.89
CA LEU B 216 -17.78 16.56 -0.51
C LEU B 216 -16.77 17.32 -1.38
N ILE B 217 -17.01 17.36 -2.68
CA ILE B 217 -16.13 18.08 -3.61
C ILE B 217 -16.22 19.60 -3.37
N MET B 218 -17.41 20.10 -3.09
CA MET B 218 -17.62 21.49 -2.68
C MET B 218 -16.76 21.86 -1.48
N GLN B 219 -16.77 21.00 -0.47
CA GLN B 219 -15.90 21.16 0.70
C GLN B 219 -14.43 21.21 0.32
N LEU B 220 -14.00 20.33 -0.58
CA LEU B 220 -12.62 20.32 -1.08
C LEU B 220 -12.27 21.56 -1.91
N LEU B 221 -13.25 22.10 -2.66
CA LEU B 221 -13.05 23.38 -3.37
C LEU B 221 -12.80 24.52 -2.39
N ARG B 222 -13.62 24.63 -1.35
CA ARG B 222 -13.47 25.69 -0.37
C ARG B 222 -12.18 25.54 0.46
N ASP B 223 -11.82 24.30 0.79
CA ASP B 223 -10.55 24.02 1.47
C ASP B 223 -9.36 24.58 0.69
N ASN B 224 -9.37 24.38 -0.62
CA ASN B 224 -8.33 24.93 -1.49
C ASN B 224 -8.32 26.46 -1.52
N LEU B 225 -9.49 27.07 -1.54
CA LEU B 225 -9.60 28.54 -1.46
C LEU B 225 -8.99 29.11 -0.18
N THR B 226 -9.26 28.46 0.95
CA THR B 226 -8.74 28.88 2.24
C THR B 226 -7.21 28.72 2.28
N LEU B 227 -6.71 27.57 1.82
CA LEU B 227 -5.28 27.31 1.74
C LEU B 227 -4.56 28.34 0.86
N TRP B 228 -5.12 28.60 -0.32
CA TRP B 228 -4.49 29.45 -1.33
C TRP B 228 -4.54 30.96 -1.04
N THR B 229 -5.34 31.38 -0.06
CA THR B 229 -5.34 32.78 0.43
C THR B 229 -5.16 32.82 1.95
N SER B 230 -4.01 32.34 2.41
CA SER B 230 -3.67 32.29 3.84
C SER B 230 -3.05 33.61 4.29
C BEZ C . -0.76 -1.79 31.43
O1 BEZ C . -1.72 -1.09 31.81
O2 BEZ C . -0.91 -2.70 30.59
C1 BEZ C . 0.60 -1.51 32.00
C2 BEZ C . 0.74 -0.76 33.14
C3 BEZ C . 2.00 -0.51 33.67
C4 BEZ C . 3.13 -1.04 33.05
C5 BEZ C . 2.99 -1.81 31.89
C6 BEZ C . 1.72 -2.04 31.37
C1 GOL D . -2.60 -8.71 35.68
O1 GOL D . -1.67 -9.81 35.63
C2 GOL D . -3.51 -8.73 34.46
O2 GOL D . -3.95 -10.07 34.22
C3 GOL D . -4.73 -7.81 34.70
O3 GOL D . -5.62 -7.76 33.57
CA CA E . 6.13 -2.31 -3.87
CL CL F . 8.87 -1.83 -4.56
CL CL G . 4.90 -1.78 -1.39
OAG DWQ H . 2.72 -11.51 13.50
PBT DWQ H . 1.39 -10.98 13.49
OAH DWQ H . 0.68 -12.16 13.10
OAE DWQ H . 1.33 -10.10 12.39
CBS DWQ H . 0.99 -10.44 14.92
CAO DWQ H . 1.90 -10.51 15.94
CAJ DWQ H . 1.61 -10.04 17.19
CAI DWQ H . 0.38 -9.50 17.45
CAN DWQ H . -0.54 -9.43 16.45
CBR DWQ H . -0.25 -9.88 15.19
OBK DWQ H . -1.11 -9.85 14.17
CBC DWQ H . -1.99 -8.76 14.08
CBN DWQ H . -2.23 -8.43 12.65
OAC DWQ H . -3.25 -7.88 12.31
NBG DWQ H . -1.24 -8.79 11.85
CBP DWQ H . -1.29 -8.51 10.57
CAP DWQ H . -0.27 -7.75 10.04
CAL DWQ H . -2.31 -8.94 9.77
CAK DWQ H . -2.29 -8.60 8.44
CAM DWQ H . -1.27 -7.86 7.90
CBQ DWQ H . -0.25 -7.42 8.70
CBO DWQ H . 0.79 -6.67 8.21
OAD DWQ H . 1.91 -6.76 8.66
NBF DWQ H . 0.50 -5.84 7.25
CAT DWQ H . 1.51 -5.00 6.66
CAU DWQ H . 1.49 -3.63 7.27
OBH DWQ H . 2.21 -3.69 8.46
CAV DWQ H . 2.02 -2.51 9.21
CAW DWQ H . 0.87 -2.73 10.16
OBI DWQ H . 1.31 -3.43 11.31
CAX DWQ H . 0.31 -4.34 11.71
CAY DWQ H . 0.51 -4.71 13.18
OBJ DWQ H . 1.27 -5.90 13.29
CAZ DWQ H . 0.89 -6.62 14.45
CBB DWQ H . 1.17 -5.82 15.72
CBM DWQ H . 2.58 -6.06 16.22
OAB DWQ H . 3.34 -6.79 15.59
NBE DWQ H . 2.93 -5.41 17.33
CAS DWQ H . 4.26 -5.50 17.94
CAR DWQ H . 4.69 -4.14 18.50
C BEZ I . -18.67 23.66 3.23
O1 BEZ I . -18.55 23.89 4.45
O2 BEZ I . -17.70 23.66 2.45
C1 BEZ I . -20.04 23.38 2.67
C2 BEZ I . -21.17 23.74 3.41
C3 BEZ I . -22.44 23.48 2.90
C4 BEZ I . -22.57 22.87 1.66
C5 BEZ I . -21.45 22.52 0.92
C6 BEZ I . -20.18 22.77 1.43
C1 GOL J . 16.78 -0.21 -6.72
O1 GOL J . 16.24 -0.70 -5.48
C2 GOL J . 17.86 0.84 -6.47
O2 GOL J . 17.45 1.78 -5.46
C3 GOL J . 18.17 1.59 -7.75
O3 GOL J . 18.52 0.69 -8.82
C1 GOL K . -19.65 -7.12 -4.43
O1 GOL K . -19.88 -6.05 -5.36
C2 GOL K . -18.75 -8.20 -5.04
O2 GOL K . -17.38 -7.80 -4.90
C3 GOL K . -19.04 -8.50 -6.52
O3 GOL K . -20.40 -8.24 -6.91
CA CA L . 0.03 -4.41 -6.35
CL CL M . -1.63 -6.26 -7.52
CL CL N . -1.51 -2.20 -4.68
OAG DWQ O . -5.25 14.47 -8.95
PBT DWQ O . -4.65 14.85 -7.69
OAH DWQ O . -3.51 15.52 -8.19
OAE DWQ O . -4.17 13.65 -7.10
CBS DWQ O . -5.56 15.81 -6.86
CAO DWQ O . -6.76 16.23 -7.38
CAJ DWQ O . -7.60 17.06 -6.68
CAI DWQ O . -7.24 17.48 -5.43
CAN DWQ O . -6.04 17.05 -4.89
CBR DWQ O . -5.21 16.22 -5.59
OBK DWQ O . -4.03 15.78 -5.15
CBC DWQ O . -3.69 15.85 -3.80
CBN DWQ O . -2.80 14.69 -3.52
OAC DWQ O . -2.20 14.61 -2.47
NBG DWQ O . -2.73 13.83 -4.51
CBP DWQ O . -2.01 12.74 -4.42
CAP DWQ O . -2.62 11.51 -4.55
CAL DWQ O . -0.66 12.78 -4.22
CAK DWQ O . 0.06 11.60 -4.15
CAM DWQ O . -0.56 10.38 -4.28
CBQ DWQ O . -1.91 10.34 -4.48
CBO DWQ O . -2.58 9.15 -4.62
OAD DWQ O . -3.60 9.09 -5.28
NBF DWQ O . -2.12 8.11 -3.97
CAT DWQ O . -2.79 6.82 -4.04
CAU DWQ O . -3.89 6.77 -2.98
OBH DWQ O . -5.06 7.46 -3.43
CAV DWQ O . -5.81 7.90 -2.30
CAW DWQ O . -5.47 9.36 -1.99
OBI DWQ O . -6.63 10.16 -2.18
CAX DWQ O . -6.28 11.45 -2.67
CAY DWQ O . -7.36 11.91 -3.64
OBJ DWQ O . -7.02 13.14 -4.28
CAZ DWQ O . -7.66 14.26 -3.65
CBB DWQ O . -9.18 14.12 -3.53
CBM DWQ O . -9.77 13.67 -4.85
OAB DWQ O . -9.06 13.39 -5.80
NBE DWQ O . -11.11 13.59 -4.90
CAS DWQ O . -12.01 13.86 -3.79
CAR DWQ O . -13.37 13.22 -4.08
#